data_4X2B
#
_entry.id   4X2B
#
_cell.length_a   94.222
_cell.length_b   94.222
_cell.length_c   121.515
_cell.angle_alpha   90.00
_cell.angle_beta   90.00
_cell.angle_gamma   90.00
#
_symmetry.space_group_name_H-M   'P 41 21 2'
#
loop_
_entity.id
_entity.type
_entity.pdbx_description
1 polymer 'RNA dependent RNA polymerase'
2 polymer 'RNA template'
3 polymer 'RNA primer'
4 non-polymer 'MAGNESIUM ION'
5 water water
#
loop_
_entity_poly.entity_id
_entity_poly.type
_entity_poly.pdbx_seq_one_letter_code
_entity_poly.pdbx_strand_id
1 'polypeptide(L)'
;GLIVDTRDVEERVHVMRKTALAPTVAHGVFNPEFGPAALSNKDPRLNEGVVLDEVIFSKHKGDTKMSAEDKALFRRCAAD
YASRLHSVLGTANAPLSIYEAIKGVDGLDAMEPDTAPGLPWALQGKRRGALIDFENGTVGPEVEAALKLMEKREYKFACQ
TFLKDEIRPMEKVRAGKTRIVDVLPVEHILYTRMMIGRFCAQMHSNNGPQIGSAVGCNPDVDWQRFGTHFAQYRNVWDVD
YSAFDANHCSDAMNIMFEEVFRTEFGFHPNAEWILKTLVNTEHAYENKRITVEGGMPSGCSATSIINTILNNIYVLYALR
RHYEGVELDTYTMISYGDDIVVASDYDLDFEALKPHFKSLGQTITPADKSDKGFVLGHSITDVTFLKRHFHMDYGTGFYK
PVMASKTLEAILSFARRGTIQEKLISVAGLAVHSGPDEYRRLFEPFQGLFEIPSYRSLYLRWVNAVCGDAAAALEHHHHH
H
;
A
2 'polyribonucleotide' AUGGGCC B
3 'polyribonucleotide' GGGCCC C
#
loop_
_chem_comp.id
_chem_comp.type
_chem_comp.name
_chem_comp.formula
A RNA linking ADENOSINE-5'-MONOPHOSPHATE 'C10 H14 N5 O7 P'
C RNA linking CYTIDINE-5'-MONOPHOSPHATE 'C9 H14 N3 O8 P'
G RNA linking GUANOSINE-5'-MONOPHOSPHATE 'C10 H14 N5 O8 P'
MG non-polymer 'MAGNESIUM ION' 'Mg 2'
U RNA linking URIDINE-5'-MONOPHOSPHATE 'C9 H13 N2 O9 P'
#
# COMPACT_ATOMS: atom_id res chain seq x y z
N GLY A 1 -1.40 -13.23 -10.00
CA GLY A 1 -2.62 -14.00 -10.37
C GLY A 1 -2.39 -14.86 -11.59
N LEU A 2 -3.47 -15.50 -12.06
CA LEU A 2 -3.42 -16.38 -13.23
C LEU A 2 -4.50 -15.96 -14.23
N ILE A 3 -4.06 -15.64 -15.45
CA ILE A 3 -4.98 -15.26 -16.52
C ILE A 3 -5.65 -16.52 -17.07
N VAL A 4 -6.93 -16.69 -16.76
CA VAL A 4 -7.65 -17.90 -17.13
C VAL A 4 -8.31 -17.81 -18.50
N ASP A 5 -8.78 -16.63 -18.88
CA ASP A 5 -9.37 -16.43 -20.20
C ASP A 5 -9.47 -14.96 -20.60
N THR A 6 -8.97 -14.64 -21.79
CA THR A 6 -9.04 -13.29 -22.33
C THR A 6 -9.99 -13.26 -23.53
N ARG A 7 -10.81 -12.21 -23.62
CA ARG A 7 -11.82 -12.08 -24.68
C ARG A 7 -11.86 -10.67 -25.25
N ASP A 8 -12.28 -10.56 -26.51
CA ASP A 8 -12.51 -9.26 -27.16
C ASP A 8 -14.00 -8.95 -27.15
N VAL A 9 -14.36 -7.78 -26.63
CA VAL A 9 -15.75 -7.36 -26.53
C VAL A 9 -15.94 -5.98 -27.16
N GLU A 10 -17.17 -5.69 -27.58
CA GLU A 10 -17.48 -4.46 -28.30
C GLU A 10 -17.43 -3.22 -27.39
N GLU A 11 -17.91 -3.36 -26.16
CA GLU A 11 -17.92 -2.25 -25.20
C GLU A 11 -16.50 -1.79 -24.85
N ARG A 12 -16.03 -0.73 -25.52
CA ARG A 12 -14.68 -0.20 -25.29
C ARG A 12 -14.59 0.61 -24.00
N VAL A 13 -13.42 0.53 -23.36
CA VAL A 13 -13.12 1.26 -22.12
C VAL A 13 -11.83 2.05 -22.32
N HIS A 14 -11.96 3.34 -22.62
CA HIS A 14 -10.81 4.21 -22.90
C HIS A 14 -9.95 4.44 -21.65
N VAL A 15 -8.76 3.86 -21.64
CA VAL A 15 -7.76 4.17 -20.62
C VAL A 15 -7.04 5.46 -21.00
N MET A 16 -6.76 6.31 -20.01
CA MET A 16 -6.18 7.63 -20.28
C MET A 16 -4.69 7.53 -20.59
N ARG A 17 -4.31 8.01 -21.78
CA ARG A 17 -2.94 7.86 -22.31
C ARG A 17 -2.25 9.22 -22.47
N LYS A 18 -2.23 10.00 -21.39
CA LYS A 18 -1.68 11.35 -21.43
C LYS A 18 -1.32 11.81 -20.03
N THR A 19 -0.02 12.00 -19.78
CA THR A 19 0.46 12.33 -18.43
C THR A 19 0.10 13.76 -18.02
N ALA A 20 -0.16 13.95 -16.72
CA ALA A 20 -0.36 15.27 -16.14
C ALA A 20 0.95 15.83 -15.60
N LEU A 21 1.96 14.97 -15.48
CA LEU A 21 3.23 15.33 -14.86
C LEU A 21 4.15 16.01 -15.87
N ALA A 22 4.72 17.14 -15.49
CA ALA A 22 5.64 17.89 -16.34
C ALA A 22 6.92 18.21 -15.58
N PRO A 23 8.04 18.45 -16.30
CA PRO A 23 9.29 18.80 -15.63
C PRO A 23 9.23 20.16 -14.91
N THR A 24 10.11 20.33 -13.93
CA THR A 24 10.21 21.59 -13.19
C THR A 24 11.60 22.21 -13.41
N VAL A 25 11.81 23.39 -12.82
CA VAL A 25 13.11 24.05 -12.85
C VAL A 25 14.21 23.19 -12.22
N ALA A 26 13.84 22.30 -11.30
CA ALA A 26 14.79 21.39 -10.66
C ALA A 26 15.26 20.27 -11.59
N HIS A 27 14.44 19.90 -12.57
CA HIS A 27 14.80 18.85 -13.53
C HIS A 27 16.08 19.20 -14.29
N GLY A 28 16.22 20.48 -14.66
CA GLY A 28 17.42 20.97 -15.30
C GLY A 28 18.65 20.86 -14.41
N VAL A 29 18.46 21.11 -13.12
CA VAL A 29 19.57 21.08 -12.15
C VAL A 29 19.97 19.64 -11.80
N PHE A 30 19.02 18.85 -11.32
CA PHE A 30 19.32 17.53 -10.77
C PHE A 30 19.52 16.44 -11.82
N ASN A 31 18.84 16.54 -12.96
CA ASN A 31 18.95 15.54 -14.03
C ASN A 31 18.75 14.11 -13.51
N PRO A 32 17.56 13.82 -12.95
CA PRO A 32 17.30 12.50 -12.38
C PRO A 32 17.15 11.41 -13.44
N GLU A 33 17.49 10.17 -13.07
CA GLU A 33 17.22 9.01 -13.93
C GLU A 33 15.82 8.51 -13.65
N PHE A 34 14.84 9.41 -13.83
CA PHE A 34 13.43 9.12 -13.58
C PHE A 34 12.59 9.84 -14.62
N GLY A 35 11.34 9.40 -14.78
CA GLY A 35 10.43 10.03 -15.74
C GLY A 35 8.99 9.54 -15.58
N PRO A 36 8.04 10.26 -16.19
CA PRO A 36 6.65 9.80 -16.15
C PRO A 36 6.50 8.46 -16.88
N ALA A 37 5.75 7.55 -16.28
CA ALA A 37 5.53 6.23 -16.88
C ALA A 37 4.90 6.37 -18.26
N ALA A 38 5.19 5.42 -19.14
CA ALA A 38 4.63 5.42 -20.48
C ALA A 38 3.15 5.06 -20.40
N LEU A 39 2.30 5.96 -20.89
CA LEU A 39 0.85 5.74 -20.89
C LEU A 39 0.31 5.38 -22.28
N SER A 40 1.16 5.43 -23.30
CA SER A 40 0.77 5.13 -24.67
C SER A 40 1.66 4.05 -25.25
N ASN A 41 1.07 3.18 -26.06
CA ASN A 41 1.82 2.14 -26.76
C ASN A 41 2.82 2.77 -27.71
N LYS A 42 2.46 3.92 -28.28
CA LYS A 42 3.33 4.65 -29.19
C LYS A 42 4.10 5.78 -28.49
N ASP A 43 4.60 5.50 -27.29
CA ASP A 43 5.49 6.43 -26.58
C ASP A 43 6.90 6.26 -27.17
N PRO A 44 7.54 7.37 -27.58
CA PRO A 44 8.87 7.27 -28.19
C PRO A 44 9.98 6.85 -27.23
N ARG A 45 9.78 7.07 -25.93
CA ARG A 45 10.78 6.71 -24.92
C ARG A 45 10.87 5.20 -24.71
N LEU A 46 9.83 4.47 -25.11
CA LEU A 46 9.83 3.02 -25.03
C LEU A 46 10.89 2.42 -25.96
N ASN A 47 11.24 1.17 -25.72
CA ASN A 47 12.13 0.43 -26.60
C ASN A 47 11.33 -0.16 -27.75
N GLU A 48 11.94 -0.27 -28.92
CA GLU A 48 11.24 -0.83 -30.09
C GLU A 48 10.79 -2.25 -29.78
N GLY A 49 9.57 -2.58 -30.21
CA GLY A 49 9.00 -3.91 -30.00
C GLY A 49 8.22 -4.09 -28.71
N VAL A 50 8.39 -3.16 -27.76
CA VAL A 50 7.71 -3.26 -26.46
C VAL A 50 6.23 -2.94 -26.60
N VAL A 51 5.39 -3.96 -26.47
CA VAL A 51 3.94 -3.78 -26.47
C VAL A 51 3.50 -3.51 -25.04
N LEU A 52 2.97 -2.32 -24.80
CA LEU A 52 2.63 -1.86 -23.45
C LEU A 52 1.57 -2.73 -22.78
N ASP A 53 0.67 -3.31 -23.57
CA ASP A 53 -0.42 -4.13 -23.05
C ASP A 53 0.09 -5.42 -22.44
N GLU A 54 0.91 -6.15 -23.19
CA GLU A 54 1.42 -7.46 -22.75
C GLU A 54 2.35 -7.35 -21.53
N VAL A 55 3.03 -6.22 -21.39
CA VAL A 55 3.90 -5.97 -20.24
C VAL A 55 3.06 -5.76 -18.97
N ILE A 56 2.05 -4.91 -19.07
CA ILE A 56 1.17 -4.59 -17.95
C ILE A 56 0.66 -5.83 -17.23
N PHE A 57 0.20 -6.82 -18.00
CA PHE A 57 -0.41 -8.03 -17.42
C PHE A 57 0.57 -9.19 -17.27
N SER A 58 1.85 -8.98 -17.60
CA SER A 58 2.86 -10.02 -17.43
C SER A 58 3.19 -10.30 -15.95
N LYS A 59 2.75 -9.42 -15.05
CA LYS A 59 2.83 -9.69 -13.61
C LYS A 59 2.02 -10.93 -13.22
N HIS A 60 0.93 -11.19 -13.95
CA HIS A 60 0.12 -12.38 -13.73
C HIS A 60 0.80 -13.60 -14.34
N LYS A 61 1.46 -14.40 -13.50
CA LYS A 61 2.24 -15.55 -13.97
C LYS A 61 1.80 -16.88 -13.37
N GLY A 62 0.65 -16.91 -12.69
CA GLY A 62 0.13 -18.13 -12.09
C GLY A 62 -0.51 -17.94 -10.73
N ASP A 63 -1.29 -18.95 -10.33
CA ASP A 63 -1.98 -18.96 -9.04
C ASP A 63 -1.52 -20.21 -8.28
N THR A 64 -0.51 -20.05 -7.44
CA THR A 64 0.12 -21.17 -6.74
C THR A 64 -0.89 -21.99 -5.93
N LYS A 65 -1.01 -23.27 -6.26
CA LYS A 65 -1.88 -24.18 -5.53
C LYS A 65 -1.11 -24.83 -4.39
N MET A 66 -1.52 -24.54 -3.16
CA MET A 66 -0.84 -25.05 -1.97
C MET A 66 -1.32 -26.45 -1.60
N SER A 67 -0.40 -27.28 -1.09
CA SER A 67 -0.74 -28.62 -0.64
C SER A 67 -1.59 -28.58 0.62
N ALA A 68 -2.19 -29.71 0.96
CA ALA A 68 -3.09 -29.79 2.12
C ALA A 68 -2.36 -29.40 3.42
N GLU A 69 -1.14 -29.91 3.58
CA GLU A 69 -0.34 -29.62 4.76
C GLU A 69 -0.02 -28.13 4.86
N ASP A 70 0.37 -27.53 3.74
CA ASP A 70 0.66 -26.10 3.68
C ASP A 70 -0.58 -25.25 3.94
N LYS A 71 -1.71 -25.65 3.39
CA LYS A 71 -2.97 -24.94 3.63
C LYS A 71 -3.40 -25.02 5.10
N ALA A 72 -3.23 -26.19 5.70
CA ALA A 72 -3.57 -26.40 7.11
C ALA A 72 -2.67 -25.57 8.02
N LEU A 73 -1.39 -25.46 7.67
CA LEU A 73 -0.44 -24.62 8.41
C LEU A 73 -0.80 -23.15 8.28
N PHE A 74 -1.22 -22.75 7.08
CA PHE A 74 -1.57 -21.36 6.81
C PHE A 74 -2.77 -20.93 7.64
N ARG A 75 -3.76 -21.81 7.75
CA ARG A 75 -4.97 -21.51 8.53
C ARG A 75 -4.64 -21.33 10.00
N ARG A 76 -3.73 -22.16 10.53
CA ARG A 76 -3.30 -22.03 11.92
C ARG A 76 -2.58 -20.69 12.15
N CYS A 77 -1.77 -20.28 11.18
CA CYS A 77 -1.09 -18.98 11.25
C CYS A 77 -2.06 -17.82 11.09
N ALA A 78 -3.04 -17.98 10.21
CA ALA A 78 -4.07 -16.96 10.01
C ALA A 78 -4.94 -16.80 11.27
N ALA A 79 -5.34 -17.91 11.86
CA ALA A 79 -6.13 -17.89 13.09
C ALA A 79 -5.34 -17.33 14.27
N ASP A 80 -4.05 -17.65 14.33
CA ASP A 80 -3.17 -17.17 15.40
C ASP A 80 -2.92 -15.66 15.31
N TYR A 81 -2.72 -15.16 14.09
CA TYR A 81 -2.57 -13.72 13.89
C TYR A 81 -3.89 -13.00 14.16
N ALA A 82 -4.97 -13.56 13.62
CA ALA A 82 -6.32 -13.02 13.85
C ALA A 82 -6.62 -12.91 15.34
N SER A 83 -6.21 -13.93 16.10
CA SER A 83 -6.33 -13.91 17.56
C SER A 83 -5.59 -12.74 18.19
N ARG A 84 -4.34 -12.52 17.77
CA ARG A 84 -3.53 -11.39 18.25
C ARG A 84 -4.15 -10.07 17.84
N LEU A 85 -4.59 -10.00 16.59
CA LEU A 85 -5.17 -8.78 16.03
C LEU A 85 -6.41 -8.37 16.82
N HIS A 86 -7.36 -9.28 16.97
CA HIS A 86 -8.62 -8.98 17.64
C HIS A 86 -8.52 -8.91 19.16
N SER A 87 -7.39 -9.36 19.70
CA SER A 87 -7.11 -9.16 21.11
C SER A 87 -6.80 -7.67 21.38
N VAL A 88 -6.01 -7.07 20.50
CA VAL A 88 -5.62 -5.66 20.63
C VAL A 88 -6.77 -4.74 20.19
N LEU A 89 -7.35 -5.04 19.05
CA LEU A 89 -8.37 -4.17 18.44
C LEU A 89 -9.74 -4.28 19.10
N GLY A 90 -10.10 -5.48 19.54
CA GLY A 90 -11.43 -5.75 20.08
C GLY A 90 -12.33 -6.40 19.04
N THR A 91 -13.60 -6.58 19.40
CA THR A 91 -14.58 -7.24 18.53
C THR A 91 -15.77 -6.33 18.18
N ALA A 92 -15.60 -5.02 18.32
CA ALA A 92 -16.62 -4.07 17.90
C ALA A 92 -16.43 -3.79 16.43
N ASN A 93 -16.88 -4.75 15.62
CA ASN A 93 -16.69 -4.72 14.17
C ASN A 93 -18.03 -4.81 13.43
N ALA A 94 -19.09 -4.29 14.04
CA ALA A 94 -20.41 -4.31 13.45
C ALA A 94 -20.45 -3.47 12.18
N PRO A 95 -21.38 -3.76 11.26
CA PRO A 95 -21.47 -2.99 10.02
C PRO A 95 -21.58 -1.48 10.23
N LEU A 96 -20.83 -0.71 9.44
CA LEU A 96 -21.05 0.73 9.35
C LEU A 96 -22.37 0.99 8.61
N SER A 97 -23.00 2.12 8.94
CA SER A 97 -24.21 2.54 8.24
C SER A 97 -23.84 3.09 6.87
N ILE A 98 -24.85 3.38 6.05
CA ILE A 98 -24.62 3.96 4.74
C ILE A 98 -24.03 5.37 4.91
N TYR A 99 -24.55 6.12 5.89
CA TYR A 99 -24.06 7.46 6.21
C TYR A 99 -22.59 7.45 6.63
N GLU A 100 -22.28 6.61 7.62
CA GLU A 100 -20.92 6.51 8.15
C GLU A 100 -19.93 5.95 7.14
N ALA A 101 -20.41 5.12 6.22
CA ALA A 101 -19.56 4.54 5.17
C ALA A 101 -19.14 5.61 4.16
N ILE A 102 -20.03 6.52 3.83
CA ILE A 102 -19.72 7.61 2.90
C ILE A 102 -18.90 8.69 3.61
N LYS A 103 -19.48 9.26 4.67
CA LYS A 103 -18.87 10.36 5.41
C LYS A 103 -17.63 9.94 6.20
N GLY A 104 -17.52 8.67 6.56
CA GLY A 104 -16.41 8.18 7.35
C GLY A 104 -16.66 8.33 8.84
N VAL A 105 -15.71 7.86 9.65
CA VAL A 105 -15.78 7.97 11.10
C VAL A 105 -14.39 8.31 11.65
N ASP A 106 -14.28 8.48 12.96
CA ASP A 106 -12.99 8.74 13.58
C ASP A 106 -12.05 7.56 13.31
N GLY A 107 -11.00 7.82 12.54
CA GLY A 107 -10.05 6.80 12.14
C GLY A 107 -10.17 6.37 10.69
N LEU A 108 -11.29 6.71 10.06
CA LEU A 108 -11.55 6.34 8.67
C LEU A 108 -12.05 7.54 7.86
N ASP A 109 -11.28 7.95 6.86
CA ASP A 109 -11.60 9.14 6.06
C ASP A 109 -12.85 8.91 5.20
N ALA A 110 -13.42 10.01 4.71
CA ALA A 110 -14.61 9.95 3.87
C ALA A 110 -14.25 9.48 2.47
N MET A 111 -15.25 9.01 1.74
CA MET A 111 -15.04 8.53 0.37
C MET A 111 -14.81 9.72 -0.56
N GLU A 112 -13.89 9.55 -1.51
CA GLU A 112 -13.56 10.59 -2.47
C GLU A 112 -14.73 10.78 -3.47
N PRO A 113 -15.26 12.02 -3.56
CA PRO A 113 -16.37 12.28 -4.47
C PRO A 113 -15.96 12.50 -5.93
N ASP A 114 -14.88 13.25 -6.16
CA ASP A 114 -14.43 13.58 -7.51
C ASP A 114 -13.37 12.58 -8.00
N THR A 115 -13.75 11.31 -8.06
CA THR A 115 -12.87 10.24 -8.51
C THR A 115 -13.65 9.19 -9.29
N ALA A 116 -12.93 8.31 -9.97
CA ALA A 116 -13.52 7.32 -10.87
C ALA A 116 -14.67 6.53 -10.23
N PRO A 117 -15.79 6.35 -10.97
CA PRO A 117 -16.95 5.61 -10.47
C PRO A 117 -16.87 4.09 -10.64
N GLY A 118 -16.14 3.63 -11.65
CA GLY A 118 -16.05 2.20 -11.96
C GLY A 118 -17.07 1.80 -13.01
N LEU A 119 -17.26 0.49 -13.17
CA LEU A 119 -18.15 -0.05 -14.19
C LEU A 119 -19.48 -0.52 -13.60
N PRO A 120 -20.58 -0.45 -14.37
CA PRO A 120 -20.66 0.04 -15.74
C PRO A 120 -21.09 1.52 -15.82
N TRP A 121 -20.63 2.33 -14.89
CA TRP A 121 -21.08 3.73 -14.78
C TRP A 121 -20.31 4.64 -15.73
N ALA A 122 -19.01 4.37 -15.90
CA ALA A 122 -18.18 5.12 -16.83
C ALA A 122 -18.65 4.91 -18.27
N LEU A 123 -18.99 3.67 -18.62
CA LEU A 123 -19.58 3.36 -19.92
C LEU A 123 -20.88 4.15 -20.13
N GLN A 124 -21.74 4.12 -19.12
CA GLN A 124 -23.03 4.81 -19.18
C GLN A 124 -22.90 6.34 -19.12
N GLY A 125 -21.73 6.83 -18.72
CA GLY A 125 -21.45 8.26 -18.74
C GLY A 125 -22.06 8.97 -17.55
N LYS A 126 -21.89 8.39 -16.36
CA LYS A 126 -22.36 8.99 -15.11
C LYS A 126 -21.28 8.83 -14.04
N ARG A 127 -20.90 9.95 -13.43
CA ARG A 127 -19.85 9.95 -12.40
C ARG A 127 -20.43 9.68 -11.02
N ARG A 128 -19.55 9.55 -10.03
CA ARG A 128 -19.92 9.23 -8.65
C ARG A 128 -21.01 10.14 -8.09
N GLY A 129 -20.90 11.44 -8.35
CA GLY A 129 -21.86 12.42 -7.86
C GLY A 129 -23.31 12.13 -8.19
N ALA A 130 -23.55 11.61 -9.39
CA ALA A 130 -24.90 11.29 -9.84
C ALA A 130 -25.50 10.09 -9.09
N LEU A 131 -24.64 9.22 -8.60
CA LEU A 131 -25.06 8.01 -7.90
C LEU A 131 -25.14 8.19 -6.39
N ILE A 132 -24.22 8.97 -5.82
CA ILE A 132 -24.11 9.13 -4.37
C ILE A 132 -24.13 10.60 -3.94
N ASP A 133 -24.95 10.90 -2.93
CA ASP A 133 -24.96 12.19 -2.26
C ASP A 133 -23.95 12.16 -1.11
N PHE A 134 -22.85 12.88 -1.26
CA PHE A 134 -21.73 12.83 -0.31
C PHE A 134 -21.89 13.80 0.87
N GLU A 135 -22.70 14.85 0.70
CA GLU A 135 -22.98 15.80 1.77
C GLU A 135 -23.82 15.12 2.84
N ASN A 136 -25.00 14.66 2.45
CA ASN A 136 -25.96 14.06 3.39
C ASN A 136 -25.70 12.58 3.66
N GLY A 137 -24.86 11.93 2.85
CA GLY A 137 -24.52 10.53 3.03
C GLY A 137 -25.64 9.57 2.66
N THR A 138 -26.33 9.87 1.57
CA THR A 138 -27.40 9.01 1.04
C THR A 138 -27.06 8.58 -0.37
N VAL A 139 -27.79 7.60 -0.90
CA VAL A 139 -27.50 7.01 -2.21
C VAL A 139 -28.73 6.98 -3.12
N GLY A 140 -28.48 7.05 -4.43
CA GLY A 140 -29.55 7.02 -5.42
C GLY A 140 -30.13 5.62 -5.62
N PRO A 141 -31.04 5.47 -6.60
CA PRO A 141 -31.68 4.18 -6.84
C PRO A 141 -30.74 3.14 -7.45
N GLU A 142 -29.69 3.58 -8.14
CA GLU A 142 -28.77 2.67 -8.84
C GLU A 142 -27.92 1.90 -7.83
N VAL A 143 -27.28 2.65 -6.93
CA VAL A 143 -26.42 2.06 -5.90
C VAL A 143 -27.22 1.25 -4.89
N GLU A 144 -28.39 1.77 -4.50
CA GLU A 144 -29.23 1.11 -3.50
C GLU A 144 -29.69 -0.27 -3.99
N ALA A 145 -30.02 -0.36 -5.28
CA ALA A 145 -30.36 -1.64 -5.89
C ALA A 145 -29.16 -2.59 -5.86
N ALA A 146 -27.98 -2.06 -6.17
CA ALA A 146 -26.74 -2.83 -6.14
C ALA A 146 -26.37 -3.27 -4.72
N LEU A 147 -26.60 -2.39 -3.74
CA LEU A 147 -26.36 -2.71 -2.33
C LEU A 147 -27.17 -3.91 -1.89
N LYS A 148 -28.40 -4.00 -2.38
CA LYS A 148 -29.28 -5.13 -2.03
C LYS A 148 -28.81 -6.41 -2.72
N LEU A 149 -28.33 -6.28 -3.96
CA LEU A 149 -27.76 -7.42 -4.69
C LEU A 149 -26.58 -8.05 -3.95
N MET A 150 -25.82 -7.22 -3.23
CA MET A 150 -24.70 -7.70 -2.43
C MET A 150 -25.14 -8.36 -1.12
N GLU A 151 -26.29 -7.93 -0.57
CA GLU A 151 -26.92 -8.64 0.54
C GLU A 151 -27.40 -10.02 0.10
N LYS A 152 -28.03 -10.08 -1.08
CA LYS A 152 -28.46 -11.36 -1.67
C LYS A 152 -27.28 -12.22 -2.15
N ARG A 153 -26.11 -11.61 -2.33
CA ARG A 153 -24.89 -12.30 -2.78
C ARG A 153 -24.97 -12.73 -4.25
N GLU A 154 -25.61 -11.91 -5.08
CA GLU A 154 -25.74 -12.17 -6.50
C GLU A 154 -25.23 -10.98 -7.30
N TYR A 155 -24.17 -10.34 -6.77
CA TYR A 155 -23.61 -9.14 -7.36
C TYR A 155 -22.29 -9.48 -8.05
N LYS A 156 -22.27 -9.33 -9.38
CA LYS A 156 -21.04 -9.48 -10.16
C LYS A 156 -20.58 -8.09 -10.57
N PHE A 157 -19.31 -7.98 -10.96
CA PHE A 157 -18.75 -6.70 -11.39
C PHE A 157 -17.49 -6.87 -12.23
N ALA A 158 -16.98 -5.75 -12.74
CA ALA A 158 -15.72 -5.72 -13.47
C ALA A 158 -14.82 -4.61 -12.93
N CYS A 159 -13.53 -4.90 -12.87
CA CYS A 159 -12.55 -3.90 -12.46
C CYS A 159 -12.10 -3.11 -13.69
N GLN A 160 -12.17 -1.79 -13.60
CA GLN A 160 -11.72 -0.91 -14.67
C GLN A 160 -10.23 -0.64 -14.51
N THR A 161 -9.45 -0.93 -15.55
CA THR A 161 -7.99 -0.83 -15.47
C THR A 161 -7.50 0.53 -15.95
N PHE A 162 -6.99 1.33 -15.01
CA PHE A 162 -6.36 2.62 -15.31
C PHE A 162 -4.85 2.46 -15.31
N LEU A 163 -4.17 3.17 -16.20
CA LEU A 163 -2.71 3.26 -16.16
C LEU A 163 -2.32 4.28 -15.11
N LYS A 164 -1.40 3.90 -14.23
CA LYS A 164 -1.00 4.75 -13.11
C LYS A 164 0.01 5.80 -13.57
N ASP A 165 -0.42 7.06 -13.61
CA ASP A 165 0.41 8.15 -14.10
C ASP A 165 1.32 8.63 -12.98
N GLU A 166 2.60 8.24 -13.04
CA GLU A 166 3.54 8.49 -11.95
C GLU A 166 4.98 8.56 -12.43
N ILE A 167 5.85 9.11 -11.57
CA ILE A 167 7.28 9.16 -11.82
C ILE A 167 7.87 7.79 -11.53
N ARG A 168 8.57 7.21 -12.51
CA ARG A 168 9.21 5.90 -12.36
C ARG A 168 10.64 5.93 -12.86
N PRO A 169 11.47 4.96 -12.43
CA PRO A 169 12.84 4.87 -12.95
C PRO A 169 12.87 4.65 -14.46
N MET A 170 13.80 5.33 -15.13
CA MET A 170 13.88 5.26 -16.60
C MET A 170 13.99 3.84 -17.14
N GLU A 171 14.63 2.96 -16.37
CA GLU A 171 14.72 1.55 -16.74
C GLU A 171 13.34 0.91 -16.82
N LYS A 172 12.46 1.29 -15.89
CA LYS A 172 11.08 0.81 -15.86
C LYS A 172 10.22 1.44 -16.95
N VAL A 173 10.48 2.71 -17.28
CA VAL A 173 9.75 3.40 -18.34
C VAL A 173 10.12 2.82 -19.70
N ARG A 174 11.42 2.67 -19.94
CA ARG A 174 11.91 2.04 -21.17
C ARG A 174 11.36 0.62 -21.36
N ALA A 175 11.27 -0.13 -20.26
CA ALA A 175 10.75 -1.49 -20.27
C ALA A 175 9.23 -1.55 -20.48
N GLY A 176 8.55 -0.42 -20.25
CA GLY A 176 7.11 -0.34 -20.37
C GLY A 176 6.40 -0.87 -19.14
N LYS A 177 7.07 -0.80 -17.99
CA LYS A 177 6.52 -1.30 -16.73
C LYS A 177 5.72 -0.21 -16.03
N THR A 178 4.60 0.15 -16.64
CA THR A 178 3.65 1.07 -16.03
C THR A 178 2.78 0.28 -15.07
N ARG A 179 2.58 0.80 -13.86
CA ARG A 179 1.71 0.16 -12.89
C ARG A 179 0.27 0.46 -13.26
N ILE A 180 -0.65 -0.36 -12.76
CA ILE A 180 -2.08 -0.20 -13.04
C ILE A 180 -2.92 -0.15 -11.78
N VAL A 181 -4.06 0.53 -11.89
CA VAL A 181 -5.01 0.67 -10.80
C VAL A 181 -6.31 -0.01 -11.22
N ASP A 182 -6.74 -0.99 -10.41
CA ASP A 182 -7.96 -1.73 -10.68
C ASP A 182 -9.13 -1.03 -10.00
N VAL A 183 -9.83 -0.20 -10.75
CA VAL A 183 -10.92 0.61 -10.21
C VAL A 183 -12.20 -0.20 -10.12
N LEU A 184 -12.55 -0.60 -8.90
CA LEU A 184 -13.79 -1.34 -8.66
C LEU A 184 -14.97 -0.38 -8.62
N PRO A 185 -16.20 -0.91 -8.79
CA PRO A 185 -17.39 -0.07 -8.71
C PRO A 185 -17.50 0.63 -7.36
N VAL A 186 -18.02 1.84 -7.37
CA VAL A 186 -18.15 2.65 -6.15
C VAL A 186 -19.01 1.97 -5.08
N GLU A 187 -20.01 1.21 -5.49
CA GLU A 187 -20.87 0.48 -4.56
C GLU A 187 -20.12 -0.65 -3.83
N HIS A 188 -19.21 -1.32 -4.54
CA HIS A 188 -18.37 -2.36 -3.95
C HIS A 188 -17.50 -1.75 -2.86
N ILE A 189 -16.94 -0.59 -3.16
CA ILE A 189 -16.11 0.15 -2.22
C ILE A 189 -16.93 0.58 -1.01
N LEU A 190 -18.15 1.06 -1.26
CA LEU A 190 -19.04 1.50 -0.19
C LEU A 190 -19.40 0.32 0.71
N TYR A 191 -19.85 -0.76 0.09
CA TYR A 191 -20.26 -1.95 0.83
C TYR A 191 -19.09 -2.58 1.60
N THR A 192 -17.90 -2.53 1.02
CA THR A 192 -16.71 -3.04 1.72
C THR A 192 -16.43 -2.19 2.97
N ARG A 193 -16.58 -0.87 2.85
CA ARG A 193 -16.47 0.02 4.01
C ARG A 193 -17.53 -0.27 5.05
N MET A 194 -18.74 -0.62 4.61
CA MET A 194 -19.81 -0.99 5.51
C MET A 194 -19.45 -2.22 6.34
N MET A 195 -18.92 -3.26 5.69
CA MET A 195 -18.66 -4.53 6.35
C MET A 195 -17.46 -4.50 7.31
N ILE A 196 -16.38 -3.83 6.90
CA ILE A 196 -15.13 -3.85 7.68
C ILE A 196 -14.52 -2.48 7.99
N GLY A 197 -15.24 -1.39 7.72
CA GLY A 197 -14.72 -0.05 7.99
C GLY A 197 -14.43 0.22 9.46
N ARG A 198 -15.22 -0.39 10.34
CA ARG A 198 -15.01 -0.25 11.77
C ARG A 198 -13.66 -0.88 12.15
N PHE A 199 -13.46 -2.10 11.68
CA PHE A 199 -12.20 -2.82 11.84
C PHE A 199 -11.01 -2.03 11.27
N CYS A 200 -11.18 -1.47 10.08
CA CYS A 200 -10.13 -0.68 9.42
C CYS A 200 -9.76 0.56 10.22
N ALA A 201 -10.78 1.28 10.68
CA ALA A 201 -10.58 2.44 11.56
C ALA A 201 -9.79 2.02 12.79
N GLN A 202 -10.13 0.86 13.34
CA GLN A 202 -9.48 0.34 14.54
C GLN A 202 -7.99 0.01 14.31
N MET A 203 -7.66 -0.54 13.14
CA MET A 203 -6.26 -0.84 12.81
C MET A 203 -5.43 0.43 12.55
N HIS A 204 -6.08 1.48 12.06
CA HIS A 204 -5.39 2.75 11.87
C HIS A 204 -5.05 3.38 13.23
N SER A 205 -5.99 3.25 14.18
CA SER A 205 -5.79 3.79 15.53
C SER A 205 -4.71 3.01 16.30
N ASN A 206 -4.59 1.71 16.04
CA ASN A 206 -3.67 0.85 16.78
C ASN A 206 -2.46 0.39 15.97
N ASN A 207 -2.04 1.18 14.98
CA ASN A 207 -0.86 0.81 14.20
C ASN A 207 0.36 0.64 15.11
N GLY A 208 1.23 -0.30 14.77
CA GLY A 208 2.42 -0.58 15.57
C GLY A 208 2.87 -2.02 15.46
N PRO A 209 4.00 -2.36 16.10
CA PRO A 209 4.57 -3.71 16.01
C PRO A 209 3.69 -4.80 16.64
N GLN A 210 2.90 -4.43 17.64
CA GLN A 210 2.06 -5.40 18.35
C GLN A 210 1.05 -6.06 17.41
N ILE A 211 0.49 -5.28 16.48
CA ILE A 211 -0.38 -5.83 15.43
C ILE A 211 0.35 -6.02 14.10
N GLY A 212 1.56 -5.48 13.99
CA GLY A 212 2.39 -5.66 12.81
C GLY A 212 1.92 -4.88 11.59
N SER A 213 1.34 -3.71 11.83
CA SER A 213 0.80 -2.86 10.79
C SER A 213 1.17 -1.40 11.02
N ALA A 214 1.58 -0.72 9.95
CA ALA A 214 1.87 0.72 9.99
C ALA A 214 0.81 1.51 9.22
N VAL A 215 -0.26 0.85 8.78
CA VAL A 215 -1.33 1.54 8.07
C VAL A 215 -2.07 2.41 9.08
N GLY A 216 -2.05 3.71 8.85
CA GLY A 216 -2.60 4.68 9.80
C GLY A 216 -1.55 5.58 10.45
N CYS A 217 -0.28 5.23 10.28
CA CYS A 217 0.81 5.90 10.98
C CYS A 217 1.19 7.24 10.35
N ASN A 218 1.91 8.04 11.12
CA ASN A 218 2.48 9.30 10.66
C ASN A 218 3.99 9.25 10.85
N PRO A 219 4.75 8.95 9.78
CA PRO A 219 6.21 8.77 9.88
C PRO A 219 6.90 9.91 10.62
N ASP A 220 6.47 11.14 10.36
CA ASP A 220 6.97 12.32 11.04
C ASP A 220 7.19 12.09 12.54
N VAL A 221 6.17 11.59 13.22
CA VAL A 221 6.22 11.37 14.67
C VAL A 221 6.43 9.90 15.07
N ASP A 222 5.86 8.98 14.30
CA ASP A 222 5.86 7.55 14.68
C ASP A 222 7.21 6.86 14.48
N TRP A 223 8.13 7.49 13.74
CA TRP A 223 9.49 6.95 13.59
C TRP A 223 10.23 6.81 14.92
N GLN A 224 9.95 7.70 15.85
CA GLN A 224 10.51 7.59 17.20
C GLN A 224 10.01 6.32 17.88
N ARG A 225 8.72 6.03 17.71
CA ARG A 225 8.11 4.86 18.34
C ARG A 225 8.65 3.56 17.74
N PHE A 226 8.68 3.49 16.40
CA PHE A 226 9.16 2.30 15.71
C PHE A 226 10.67 2.13 15.86
N GLY A 227 11.39 3.24 15.78
CA GLY A 227 12.85 3.23 15.87
C GLY A 227 13.40 2.65 17.16
N THR A 228 12.83 3.07 18.28
CA THR A 228 13.24 2.58 19.60
C THR A 228 12.86 1.11 19.80
N HIS A 229 11.76 0.69 19.19
CA HIS A 229 11.30 -0.69 19.29
C HIS A 229 12.32 -1.64 18.67
N PHE A 230 12.63 -1.43 17.39
CA PHE A 230 13.52 -2.31 16.64
C PHE A 230 15.00 -2.23 17.06
N ALA A 231 15.38 -1.18 17.78
CA ALA A 231 16.74 -1.04 18.28
C ALA A 231 17.09 -2.07 19.36
N GLN A 232 16.06 -2.59 20.03
CA GLN A 232 16.24 -3.53 21.14
C GLN A 232 16.62 -4.95 20.70
N TYR A 233 16.39 -5.27 19.43
CA TYR A 233 16.58 -6.63 18.92
C TYR A 233 17.94 -6.82 18.26
N ARG A 234 18.45 -8.05 18.30
CA ARG A 234 19.79 -8.36 17.79
C ARG A 234 19.90 -8.28 16.26
N ASN A 235 18.90 -8.84 15.57
CA ASN A 235 18.89 -8.87 14.11
C ASN A 235 17.65 -8.17 13.53
N VAL A 236 17.84 -7.50 12.39
CA VAL A 236 16.76 -6.83 11.68
C VAL A 236 16.88 -7.13 10.19
N TRP A 237 15.75 -7.32 9.52
CA TRP A 237 15.74 -7.67 8.11
C TRP A 237 14.85 -6.76 7.29
N ASP A 238 15.43 -6.18 6.23
CA ASP A 238 14.68 -5.41 5.24
C ASP A 238 14.36 -6.32 4.07
N VAL A 239 13.15 -6.87 4.07
CA VAL A 239 12.72 -7.83 3.05
C VAL A 239 11.91 -7.15 1.94
N ASP A 240 12.16 -7.59 0.71
CA ASP A 240 11.52 -7.05 -0.48
C ASP A 240 10.89 -8.17 -1.29
N TYR A 241 9.60 -8.06 -1.56
CA TYR A 241 8.92 -8.97 -2.47
C TYR A 241 8.97 -8.39 -3.88
N SER A 242 8.81 -9.27 -4.88
CA SER A 242 8.58 -8.84 -6.25
C SER A 242 7.15 -9.19 -6.64
N ALA A 243 6.38 -8.18 -7.06
CA ALA A 243 4.98 -8.36 -7.42
C ALA A 243 4.20 -9.04 -6.29
N PHE A 244 4.25 -8.42 -5.11
CA PHE A 244 3.57 -8.93 -3.92
C PHE A 244 2.07 -9.13 -4.17
N ASP A 245 1.40 -8.05 -4.58
CA ASP A 245 -0.06 -8.05 -4.68
C ASP A 245 -0.57 -9.10 -5.66
N ALA A 246 0.07 -9.20 -6.82
CA ALA A 246 -0.35 -10.14 -7.85
C ALA A 246 -0.16 -11.60 -7.41
N ASN A 247 0.92 -11.88 -6.68
CA ASN A 247 1.26 -13.25 -6.30
C ASN A 247 0.58 -13.78 -5.03
N HIS A 248 -0.46 -13.11 -4.55
CA HIS A 248 -1.31 -13.67 -3.50
C HIS A 248 -2.14 -14.79 -4.09
N CYS A 249 -1.82 -16.03 -3.76
CA CYS A 249 -2.56 -17.17 -4.29
C CYS A 249 -3.97 -17.20 -3.71
N SER A 250 -4.89 -17.74 -4.49
CA SER A 250 -6.31 -17.77 -4.11
C SER A 250 -6.54 -18.55 -2.83
N ASP A 251 -5.77 -19.63 -2.66
CA ASP A 251 -5.85 -20.46 -1.45
C ASP A 251 -5.56 -19.62 -0.21
N ALA A 252 -4.47 -18.86 -0.24
CA ALA A 252 -4.08 -18.00 0.88
C ALA A 252 -5.13 -16.94 1.20
N MET A 253 -5.61 -16.26 0.16
CA MET A 253 -6.60 -15.19 0.30
C MET A 253 -7.88 -15.72 0.97
N ASN A 254 -8.38 -16.85 0.46
CA ASN A 254 -9.58 -17.48 1.03
C ASN A 254 -9.44 -17.83 2.51
N ILE A 255 -8.31 -18.46 2.85
CA ILE A 255 -8.05 -18.87 4.24
C ILE A 255 -8.00 -17.65 5.15
N MET A 256 -7.26 -16.64 4.72
CA MET A 256 -7.13 -15.40 5.49
C MET A 256 -8.50 -14.79 5.74
N PHE A 257 -9.31 -14.65 4.69
CA PHE A 257 -10.63 -14.06 4.82
C PHE A 257 -11.52 -14.88 5.74
N GLU A 258 -11.42 -16.20 5.65
CA GLU A 258 -12.18 -17.10 6.50
C GLU A 258 -11.80 -16.99 7.97
N GLU A 259 -10.52 -16.74 8.25
CA GLU A 259 -10.00 -16.76 9.62
C GLU A 259 -10.03 -15.42 10.33
N VAL A 260 -9.85 -14.34 9.58
CA VAL A 260 -9.83 -13.00 10.17
C VAL A 260 -11.24 -12.43 10.33
N PHE A 261 -12.08 -12.60 9.31
CA PHE A 261 -13.38 -11.94 9.28
C PHE A 261 -14.53 -12.90 9.57
N ARG A 262 -14.51 -13.48 10.77
CA ARG A 262 -15.54 -14.41 11.23
C ARG A 262 -16.59 -13.63 12.00
N THR A 263 -17.82 -14.14 12.02
CA THR A 263 -18.91 -13.50 12.75
C THR A 263 -18.62 -13.46 14.25
N GLU A 264 -18.00 -14.52 14.77
CA GLU A 264 -17.65 -14.59 16.20
C GLU A 264 -16.68 -13.50 16.64
N PHE A 265 -16.00 -12.85 15.68
CA PHE A 265 -15.19 -11.66 15.96
C PHE A 265 -15.97 -10.35 15.73
N GLY A 266 -17.30 -10.44 15.69
CA GLY A 266 -18.15 -9.25 15.60
C GLY A 266 -18.43 -8.73 14.21
N PHE A 267 -18.07 -9.50 13.18
CA PHE A 267 -18.30 -9.11 11.80
C PHE A 267 -19.66 -9.56 11.31
N HIS A 268 -20.12 -8.92 10.24
CA HIS A 268 -21.32 -9.33 9.54
C HIS A 268 -20.95 -10.52 8.65
N PRO A 269 -21.88 -11.47 8.44
CA PRO A 269 -21.58 -12.62 7.56
C PRO A 269 -21.04 -12.26 6.18
N ASN A 270 -21.54 -11.15 5.60
CA ASN A 270 -21.07 -10.67 4.29
C ASN A 270 -19.71 -9.96 4.30
N ALA A 271 -19.06 -9.88 5.45
CA ALA A 271 -17.71 -9.32 5.52
C ALA A 271 -16.74 -10.23 4.76
N GLU A 272 -16.84 -11.52 5.02
CA GLU A 272 -16.03 -12.51 4.32
C GLU A 272 -16.40 -12.54 2.83
N TRP A 273 -17.71 -12.54 2.53
CA TRP A 273 -18.17 -12.68 1.16
C TRP A 273 -17.62 -11.60 0.23
N ILE A 274 -17.84 -10.33 0.58
CA ILE A 274 -17.39 -9.21 -0.24
C ILE A 274 -15.88 -9.23 -0.46
N LEU A 275 -15.13 -9.65 0.56
CA LEU A 275 -13.68 -9.78 0.46
C LEU A 275 -13.29 -10.93 -0.49
N LYS A 276 -14.03 -12.03 -0.43
CA LYS A 276 -13.77 -13.19 -1.30
C LYS A 276 -14.06 -12.91 -2.78
N THR A 277 -14.86 -11.89 -3.07
CA THR A 277 -15.13 -11.48 -4.46
C THR A 277 -13.90 -10.87 -5.15
N LEU A 278 -12.85 -10.57 -4.39
CA LEU A 278 -11.59 -10.06 -4.92
C LEU A 278 -10.67 -11.16 -5.46
N VAL A 279 -10.99 -12.42 -5.15
CA VAL A 279 -10.14 -13.55 -5.52
C VAL A 279 -10.24 -13.83 -7.02
N ASN A 280 -11.48 -14.01 -7.50
CA ASN A 280 -11.75 -14.20 -8.92
C ASN A 280 -12.40 -12.95 -9.50
N THR A 281 -11.64 -12.22 -10.32
CA THR A 281 -12.08 -10.94 -10.87
C THR A 281 -12.02 -10.92 -12.40
N GLU A 282 -12.80 -10.03 -13.00
CA GLU A 282 -12.74 -9.75 -14.43
C GLU A 282 -12.26 -8.31 -14.62
N HIS A 283 -11.22 -8.14 -15.43
CA HIS A 283 -10.64 -6.83 -15.70
C HIS A 283 -10.98 -6.35 -17.10
N ALA A 284 -11.38 -5.08 -17.20
CA ALA A 284 -11.76 -4.48 -18.47
C ALA A 284 -10.73 -3.43 -18.89
N TYR A 285 -9.97 -3.75 -19.93
CA TYR A 285 -8.93 -2.86 -20.45
C TYR A 285 -9.14 -2.70 -21.95
N GLU A 286 -9.75 -1.59 -22.33
CA GLU A 286 -10.15 -1.32 -23.73
C GLU A 286 -11.12 -2.39 -24.23
N ASN A 287 -10.77 -3.11 -25.31
CA ASN A 287 -11.61 -4.18 -25.82
C ASN A 287 -11.39 -5.50 -25.12
N LYS A 288 -10.28 -5.62 -24.40
CA LYS A 288 -9.92 -6.86 -23.72
C LYS A 288 -10.76 -7.04 -22.45
N ARG A 289 -11.17 -8.28 -22.20
CA ARG A 289 -11.82 -8.65 -20.94
C ARG A 289 -11.11 -9.85 -20.35
N ILE A 290 -10.24 -9.58 -19.39
CA ILE A 290 -9.34 -10.58 -18.83
C ILE A 290 -9.86 -11.08 -17.48
N THR A 291 -10.27 -12.34 -17.42
CA THR A 291 -10.68 -12.97 -16.16
C THR A 291 -9.41 -13.44 -15.44
N VAL A 292 -9.31 -13.13 -14.16
CA VAL A 292 -8.13 -13.46 -13.35
C VAL A 292 -8.55 -14.17 -12.08
N GLU A 293 -7.77 -15.18 -11.69
CA GLU A 293 -7.99 -15.91 -10.44
C GLU A 293 -6.73 -15.84 -9.59
N GLY A 294 -6.83 -15.16 -8.46
CA GLY A 294 -5.69 -14.93 -7.57
C GLY A 294 -5.26 -13.47 -7.60
N GLY A 295 -4.52 -13.06 -6.57
CA GLY A 295 -4.00 -11.70 -6.48
C GLY A 295 -5.01 -10.71 -5.92
N MET A 296 -4.50 -9.54 -5.51
CA MET A 296 -5.32 -8.47 -4.98
C MET A 296 -5.35 -7.29 -5.95
N PRO A 297 -6.55 -6.77 -6.25
CA PRO A 297 -6.65 -5.57 -7.08
C PRO A 297 -6.44 -4.29 -6.28
N SER A 298 -5.45 -3.49 -6.66
CA SER A 298 -5.20 -2.20 -6.03
C SER A 298 -6.39 -1.27 -6.21
N GLY A 299 -6.56 -0.34 -5.28
CA GLY A 299 -7.72 0.55 -5.29
C GLY A 299 -9.02 -0.19 -4.98
N CYS A 300 -8.92 -1.27 -4.20
CA CYS A 300 -10.08 -2.03 -3.77
C CYS A 300 -10.82 -1.26 -2.69
N SER A 301 -10.13 -1.04 -1.57
CA SER A 301 -10.65 -0.29 -0.41
C SER A 301 -9.76 -0.55 0.80
N ALA A 302 -9.73 -1.80 1.24
CA ALA A 302 -8.88 -2.21 2.36
C ALA A 302 -7.62 -2.91 1.86
N THR A 303 -7.16 -2.55 0.66
CA THR A 303 -6.06 -3.25 0.02
C THR A 303 -4.75 -3.15 0.82
N SER A 304 -4.49 -1.99 1.42
CA SER A 304 -3.32 -1.81 2.27
C SER A 304 -3.41 -2.70 3.50
N ILE A 305 -4.58 -2.70 4.15
CA ILE A 305 -4.82 -3.53 5.33
C ILE A 305 -4.77 -5.01 4.97
N ILE A 306 -5.45 -5.38 3.89
CA ILE A 306 -5.48 -6.78 3.44
C ILE A 306 -4.09 -7.29 3.08
N ASN A 307 -3.32 -6.48 2.36
CA ASN A 307 -1.93 -6.85 2.04
C ASN A 307 -1.06 -6.96 3.29
N THR A 308 -1.23 -5.99 4.21
CA THR A 308 -0.50 -5.98 5.48
C THR A 308 -0.82 -7.21 6.32
N ILE A 309 -2.10 -7.56 6.42
CA ILE A 309 -2.53 -8.77 7.13
C ILE A 309 -1.87 -10.02 6.53
N LEU A 310 -1.90 -10.14 5.20
CA LEU A 310 -1.27 -11.25 4.51
C LEU A 310 0.24 -11.31 4.77
N ASN A 311 0.87 -10.15 4.81
CA ASN A 311 2.30 -10.05 5.08
C ASN A 311 2.66 -10.65 6.43
N ASN A 312 1.86 -10.33 7.46
CA ASN A 312 2.07 -10.87 8.80
C ASN A 312 1.95 -12.39 8.83
N ILE A 313 0.91 -12.91 8.19
CA ILE A 313 0.66 -14.34 8.18
C ILE A 313 1.78 -15.08 7.43
N TYR A 314 2.31 -14.46 6.38
CA TYR A 314 3.39 -15.07 5.59
C TYR A 314 4.62 -15.34 6.44
N VAL A 315 5.01 -14.36 7.26
CA VAL A 315 6.20 -14.49 8.11
C VAL A 315 6.01 -15.62 9.13
N LEU A 316 4.87 -15.61 9.82
CA LEU A 316 4.55 -16.67 10.78
C LEU A 316 4.55 -18.03 10.11
N TYR A 317 3.97 -18.10 8.92
CA TYR A 317 3.92 -19.32 8.12
C TYR A 317 5.33 -19.80 7.77
N ALA A 318 6.11 -18.91 7.15
CA ALA A 318 7.45 -19.25 6.66
C ALA A 318 8.35 -19.77 7.78
N LEU A 319 8.32 -19.10 8.93
CA LEU A 319 9.13 -19.51 10.07
C LEU A 319 8.68 -20.86 10.64
N ARG A 320 7.37 -21.06 10.74
CA ARG A 320 6.81 -22.31 11.25
C ARG A 320 7.05 -23.49 10.29
N ARG A 321 7.22 -23.19 9.02
CA ARG A 321 7.47 -24.22 8.01
C ARG A 321 8.93 -24.66 7.97
N HIS A 322 9.84 -23.85 8.53
CA HIS A 322 11.27 -24.15 8.56
C HIS A 322 11.76 -24.53 9.96
N TYR A 323 11.39 -23.74 10.96
CA TYR A 323 11.75 -24.02 12.36
C TYR A 323 10.58 -24.61 13.14
N GLU A 324 10.90 -25.34 14.21
CA GLU A 324 9.89 -25.86 15.13
C GLU A 324 9.71 -24.90 16.30
N GLY A 325 8.50 -24.88 16.86
CA GLY A 325 8.22 -24.09 18.05
C GLY A 325 8.35 -22.60 17.83
N VAL A 326 7.70 -22.09 16.79
CA VAL A 326 7.65 -20.66 16.51
C VAL A 326 6.27 -20.12 16.85
N GLU A 327 6.23 -19.10 17.71
CA GLU A 327 5.01 -18.36 18.01
C GLU A 327 5.17 -16.94 17.50
N LEU A 328 4.16 -16.10 17.74
CA LEU A 328 4.23 -14.69 17.36
C LEU A 328 5.32 -13.91 18.09
N ASP A 329 5.59 -14.28 19.34
CA ASP A 329 6.62 -13.62 20.16
C ASP A 329 8.06 -14.04 19.83
N THR A 330 8.23 -15.01 18.94
CA THR A 330 9.56 -15.43 18.47
C THR A 330 10.26 -14.33 17.66
N TYR A 331 9.47 -13.42 17.10
CA TYR A 331 10.00 -12.32 16.31
C TYR A 331 9.09 -11.11 16.48
N THR A 332 9.43 -10.02 15.80
CA THR A 332 8.54 -8.86 15.69
C THR A 332 8.63 -8.28 14.28
N MET A 333 7.61 -7.54 13.88
CA MET A 333 7.59 -6.91 12.57
C MET A 333 6.60 -5.76 12.45
N ILE A 334 6.79 -4.97 11.41
CA ILE A 334 5.86 -3.90 11.05
C ILE A 334 5.78 -3.90 9.52
N SER A 335 4.58 -3.72 8.96
CA SER A 335 4.41 -3.71 7.51
C SER A 335 3.35 -2.73 7.05
N TYR A 336 3.54 -2.22 5.83
CA TYR A 336 2.55 -1.39 5.15
C TYR A 336 2.38 -1.99 3.76
N GLY A 337 1.40 -2.88 3.62
CA GLY A 337 1.23 -3.63 2.39
C GLY A 337 2.40 -4.58 2.20
N ASP A 338 3.06 -4.48 1.05
CA ASP A 338 4.21 -5.33 0.74
C ASP A 338 5.47 -4.92 1.50
N ASP A 339 5.56 -3.64 1.87
CA ASP A 339 6.72 -3.13 2.60
C ASP A 339 6.75 -3.74 4.01
N ILE A 340 7.94 -4.16 4.44
CA ILE A 340 8.08 -5.02 5.62
C ILE A 340 9.44 -4.87 6.30
N VAL A 341 9.43 -4.78 7.62
CA VAL A 341 10.64 -4.83 8.44
C VAL A 341 10.42 -5.86 9.54
N VAL A 342 11.36 -6.79 9.68
CA VAL A 342 11.27 -7.89 10.64
C VAL A 342 12.50 -7.86 11.55
N ALA A 343 12.32 -8.31 12.79
CA ALA A 343 13.43 -8.39 13.74
C ALA A 343 13.22 -9.51 14.74
N SER A 344 14.34 -9.98 15.30
CA SER A 344 14.33 -11.07 16.27
C SER A 344 15.66 -11.15 17.00
N ASP A 345 15.63 -11.61 18.25
CA ASP A 345 16.86 -11.91 18.98
C ASP A 345 17.50 -13.19 18.47
N TYR A 346 16.66 -14.10 17.94
CA TYR A 346 17.15 -15.36 17.37
C TYR A 346 17.84 -15.09 16.03
N ASP A 347 18.88 -15.87 15.74
CA ASP A 347 19.60 -15.77 14.48
C ASP A 347 18.87 -16.56 13.40
N LEU A 348 17.77 -15.98 12.90
CA LEU A 348 16.92 -16.64 11.91
C LEU A 348 17.58 -16.67 10.55
N ASP A 349 17.57 -17.83 9.90
CA ASP A 349 18.16 -17.99 8.58
C ASP A 349 17.12 -17.61 7.52
N PHE A 350 17.04 -16.32 7.22
CA PHE A 350 16.10 -15.82 6.22
C PHE A 350 16.42 -16.28 4.79
N GLU A 351 17.69 -16.59 4.55
CA GLU A 351 18.08 -17.19 3.27
C GLU A 351 17.39 -18.54 3.07
N ALA A 352 17.33 -19.34 4.14
CA ALA A 352 16.69 -20.64 4.10
C ALA A 352 15.16 -20.57 4.01
N LEU A 353 14.58 -19.42 4.36
CA LEU A 353 13.13 -19.22 4.24
C LEU A 353 12.67 -18.98 2.80
N LYS A 354 13.57 -18.54 1.92
CA LYS A 354 13.24 -18.23 0.52
C LYS A 354 12.30 -19.25 -0.15
N PRO A 355 12.68 -20.54 -0.16
CA PRO A 355 11.82 -21.54 -0.80
C PRO A 355 10.48 -21.75 -0.09
N HIS A 356 10.41 -21.41 1.19
CA HIS A 356 9.15 -21.52 1.94
C HIS A 356 8.17 -20.41 1.56
N PHE A 357 8.69 -19.27 1.13
CA PHE A 357 7.85 -18.21 0.57
C PHE A 357 7.36 -18.58 -0.84
N LYS A 358 8.20 -19.27 -1.60
CA LYS A 358 7.79 -19.72 -2.94
C LYS A 358 6.66 -20.75 -2.92
N SER A 359 6.44 -21.41 -1.78
CA SER A 359 5.27 -22.27 -1.61
C SER A 359 3.96 -21.46 -1.61
N LEU A 360 4.05 -20.21 -1.16
CA LEU A 360 2.90 -19.28 -1.17
C LEU A 360 2.77 -18.51 -2.49
N GLY A 361 3.76 -18.64 -3.36
CA GLY A 361 3.77 -17.91 -4.63
C GLY A 361 4.65 -16.66 -4.59
N GLN A 362 5.15 -16.33 -3.40
CA GLN A 362 5.93 -15.10 -3.19
C GLN A 362 7.42 -15.36 -3.33
N THR A 363 8.14 -14.31 -3.73
CA THR A 363 9.58 -14.36 -3.92
C THR A 363 10.23 -13.24 -3.11
N ILE A 364 11.02 -13.62 -2.12
CA ILE A 364 11.66 -12.64 -1.24
C ILE A 364 13.15 -12.48 -1.56
N THR A 365 13.61 -11.24 -1.47
CA THR A 365 15.02 -10.91 -1.69
C THR A 365 15.43 -9.86 -0.66
N PRO A 366 16.74 -9.77 -0.37
CA PRO A 366 17.21 -8.72 0.53
C PRO A 366 17.10 -7.35 -0.14
N ALA A 367 16.71 -6.35 0.64
CA ALA A 367 16.64 -4.97 0.13
C ALA A 367 18.03 -4.46 -0.24
N ASP A 368 19.04 -4.88 0.53
CA ASP A 368 20.43 -4.56 0.25
C ASP A 368 20.87 -5.32 -1.01
N LYS A 369 21.52 -4.60 -1.93
CA LYS A 369 21.77 -5.12 -3.27
C LYS A 369 23.04 -5.98 -3.35
N SER A 370 24.16 -5.39 -2.94
CA SER A 370 25.48 -6.00 -3.12
C SER A 370 25.66 -7.34 -2.42
N ASP A 371 25.30 -7.39 -1.13
CA ASP A 371 25.43 -8.62 -0.34
C ASP A 371 24.68 -9.76 -1.01
N LYS A 372 25.36 -10.89 -1.15
CA LYS A 372 24.79 -12.05 -1.83
C LYS A 372 23.94 -12.85 -0.85
N GLY A 373 22.70 -12.40 -0.65
CA GLY A 373 21.72 -13.08 0.20
C GLY A 373 21.46 -12.36 1.51
N PHE A 374 20.60 -12.96 2.33
CA PHE A 374 20.30 -12.43 3.66
C PHE A 374 21.44 -12.71 4.62
N VAL A 375 21.65 -11.77 5.55
CA VAL A 375 22.73 -11.88 6.54
C VAL A 375 22.27 -11.37 7.91
N LEU A 376 22.93 -11.84 8.96
CA LEU A 376 22.63 -11.44 10.32
C LEU A 376 23.36 -10.14 10.67
N GLY A 377 23.08 -9.60 11.85
CA GLY A 377 23.82 -8.46 12.40
C GLY A 377 23.38 -7.08 11.96
N HIS A 378 22.32 -6.99 11.15
CA HIS A 378 21.78 -5.70 10.72
C HIS A 378 20.95 -5.05 11.81
N SER A 379 20.93 -3.73 11.83
CA SER A 379 20.16 -2.96 12.81
C SER A 379 19.13 -2.07 12.10
N ILE A 380 18.29 -1.42 12.91
CA ILE A 380 17.23 -0.55 12.38
C ILE A 380 17.77 0.61 11.53
N THR A 381 18.98 1.06 11.81
CA THR A 381 19.58 2.17 11.06
C THR A 381 20.13 1.77 9.68
N ASP A 382 20.11 0.48 9.36
CA ASP A 382 20.52 0.00 8.04
C ASP A 382 19.36 -0.13 7.06
N VAL A 383 18.15 -0.37 7.59
CA VAL A 383 16.99 -0.74 6.76
C VAL A 383 16.24 0.47 6.20
N THR A 384 15.18 0.18 5.45
CA THR A 384 14.32 1.20 4.87
C THR A 384 12.86 0.75 4.98
N PHE A 385 11.99 1.69 5.36
CA PHE A 385 10.56 1.43 5.50
C PHE A 385 9.80 2.67 5.03
N LEU A 386 8.77 2.46 4.20
CA LEU A 386 8.03 3.56 3.55
C LEU A 386 8.98 4.54 2.86
N LYS A 387 10.01 3.99 2.21
CA LYS A 387 10.97 4.75 1.42
C LYS A 387 11.81 5.72 2.27
N ARG A 388 11.97 5.39 3.56
CA ARG A 388 12.64 6.26 4.52
C ARG A 388 13.63 5.49 5.40
N HIS A 389 14.84 6.01 5.55
CA HIS A 389 15.82 5.45 6.48
C HIS A 389 15.50 5.87 7.92
N PHE A 390 16.04 5.13 8.88
CA PHE A 390 15.94 5.48 10.29
C PHE A 390 17.24 6.12 10.74
N HIS A 391 17.24 7.45 10.87
CA HIS A 391 18.39 8.19 11.35
C HIS A 391 18.04 8.83 12.69
N MET A 392 19.07 9.12 13.48
CA MET A 392 18.89 9.75 14.78
C MET A 392 19.10 11.25 14.66
N ASP A 393 18.17 12.03 15.18
CA ASP A 393 18.33 13.48 15.26
C ASP A 393 19.19 13.79 16.49
N TYR A 394 20.40 14.29 16.24
CA TYR A 394 21.35 14.54 17.32
C TYR A 394 21.00 15.76 18.17
N GLY A 395 20.05 16.58 17.71
CA GLY A 395 19.57 17.72 18.49
C GLY A 395 18.57 17.31 19.56
N THR A 396 17.55 16.56 19.16
CA THR A 396 16.48 16.13 20.06
C THR A 396 16.76 14.78 20.70
N GLY A 397 17.44 13.90 19.97
CA GLY A 397 17.65 12.52 20.40
C GLY A 397 16.57 11.57 19.92
N PHE A 398 15.68 12.05 19.05
CA PHE A 398 14.62 11.23 18.48
C PHE A 398 15.04 10.66 17.13
N TYR A 399 14.39 9.57 16.73
CA TYR A 399 14.54 9.05 15.38
C TYR A 399 13.74 9.91 14.41
N LYS A 400 14.27 10.07 13.21
CA LYS A 400 13.63 10.87 12.17
C LYS A 400 13.65 10.11 10.84
N PRO A 401 12.59 10.26 10.03
CA PRO A 401 12.54 9.62 8.71
C PRO A 401 13.33 10.40 7.67
N VAL A 402 14.35 9.77 7.09
CA VAL A 402 15.20 10.41 6.08
C VAL A 402 15.06 9.66 4.77
N MET A 403 14.59 10.35 3.74
CA MET A 403 14.54 9.80 2.39
C MET A 403 15.86 10.06 1.70
N ALA A 404 16.25 9.14 0.83
CA ALA A 404 17.45 9.32 0.01
C ALA A 404 17.33 10.63 -0.77
N SER A 405 18.47 11.30 -0.97
CA SER A 405 18.48 12.57 -1.69
C SER A 405 18.07 12.42 -3.16
N LYS A 406 18.31 11.24 -3.74
CA LYS A 406 17.91 10.97 -5.12
C LYS A 406 16.39 10.91 -5.26
N THR A 407 15.74 10.28 -4.29
CA THR A 407 14.28 10.20 -4.27
C THR A 407 13.63 11.59 -4.17
N LEU A 408 14.18 12.43 -3.29
CA LEU A 408 13.71 13.81 -3.13
C LEU A 408 13.94 14.63 -4.39
N GLU A 409 15.11 14.46 -5.00
CA GLU A 409 15.44 15.12 -6.27
C GLU A 409 14.44 14.72 -7.36
N ALA A 410 14.17 13.42 -7.46
CA ALA A 410 13.24 12.89 -8.45
C ALA A 410 11.82 13.44 -8.24
N ILE A 411 11.39 13.46 -6.98
CA ILE A 411 10.09 14.02 -6.62
C ILE A 411 10.00 15.48 -7.09
N LEU A 412 11.01 16.27 -6.76
CA LEU A 412 11.05 17.70 -7.07
C LEU A 412 11.22 18.02 -8.55
N SER A 413 11.66 17.05 -9.35
CA SER A 413 11.89 17.28 -10.77
C SER A 413 10.60 17.36 -11.61
N PHE A 414 9.52 16.75 -11.12
CA PHE A 414 8.26 16.70 -11.86
C PHE A 414 7.09 17.19 -11.03
N ALA A 415 6.07 17.73 -11.70
CA ALA A 415 4.86 18.21 -11.03
C ALA A 415 3.73 18.44 -12.02
N ARG A 416 2.49 18.37 -11.51
CA ARG A 416 1.32 18.70 -12.33
C ARG A 416 1.19 20.20 -12.48
N ARG A 417 0.56 20.62 -13.56
CA ARG A 417 0.44 22.06 -13.87
C ARG A 417 -0.24 22.81 -12.74
N GLY A 418 0.40 23.89 -12.29
CA GLY A 418 -0.18 24.79 -11.29
C GLY A 418 -0.31 24.25 -9.88
N THR A 419 0.46 23.21 -9.55
CA THR A 419 0.45 22.62 -8.22
C THR A 419 1.82 22.61 -7.55
N ILE A 420 2.78 23.33 -8.15
CA ILE A 420 4.17 23.26 -7.70
C ILE A 420 4.34 23.93 -6.34
N GLN A 421 3.74 25.10 -6.16
CA GLN A 421 3.83 25.82 -4.89
C GLN A 421 3.25 24.99 -3.74
N GLU A 422 2.14 24.30 -3.99
CA GLU A 422 1.52 23.45 -2.98
C GLU A 422 2.31 22.15 -2.78
N LYS A 423 2.98 21.68 -3.82
CA LYS A 423 3.85 20.49 -3.73
C LYS A 423 5.15 20.75 -2.97
N LEU A 424 5.77 21.90 -3.23
CA LEU A 424 7.03 22.27 -2.58
C LEU A 424 6.91 22.29 -1.05
N ILE A 425 5.81 22.85 -0.56
CA ILE A 425 5.55 22.92 0.88
C ILE A 425 5.41 21.52 1.46
N SER A 426 4.74 20.63 0.72
CA SER A 426 4.56 19.24 1.13
C SER A 426 5.89 18.48 1.16
N VAL A 427 6.68 18.62 0.10
CA VAL A 427 7.96 17.91 -0.03
C VAL A 427 8.99 18.41 1.00
N ALA A 428 8.87 19.67 1.39
CA ALA A 428 9.74 20.24 2.43
C ALA A 428 9.61 19.49 3.75
N GLY A 429 8.39 19.07 4.08
CA GLY A 429 8.12 18.28 5.28
C GLY A 429 8.88 16.97 5.33
N LEU A 430 9.17 16.41 4.15
CA LEU A 430 9.98 15.19 4.03
C LEU A 430 11.46 15.54 4.05
N ALA A 431 11.82 16.57 3.28
CA ALA A 431 13.23 16.94 3.06
C ALA A 431 13.91 17.50 4.31
N VAL A 432 13.13 18.07 5.22
CA VAL A 432 13.67 18.67 6.45
C VAL A 432 14.61 17.76 7.25
N HIS A 433 14.31 16.46 7.28
CA HIS A 433 15.10 15.52 8.09
C HIS A 433 16.44 15.15 7.45
N SER A 434 16.68 15.61 6.23
CA SER A 434 17.96 15.37 5.55
C SER A 434 19.07 16.30 6.04
N GLY A 435 18.72 17.33 6.81
CA GLY A 435 19.70 18.25 7.40
C GLY A 435 19.69 19.60 6.70
N PRO A 436 20.13 20.65 7.42
CA PRO A 436 20.13 22.03 6.90
C PRO A 436 20.82 22.22 5.56
N ASP A 437 21.95 21.55 5.36
CA ASP A 437 22.76 21.70 4.15
C ASP A 437 22.10 21.02 2.94
N GLU A 438 21.67 19.79 3.12
CA GLU A 438 21.01 19.02 2.06
C GLU A 438 19.66 19.64 1.69
N TYR A 439 18.95 20.13 2.71
CA TYR A 439 17.67 20.82 2.52
C TYR A 439 17.84 22.02 1.60
N ARG A 440 18.80 22.88 1.93
CA ARG A 440 19.11 24.08 1.14
C ARG A 440 19.41 23.74 -0.33
N ARG A 441 20.17 22.67 -0.54
CA ARG A 441 20.56 22.24 -1.89
C ARG A 441 19.37 21.73 -2.68
N LEU A 442 18.49 20.98 -2.01
CA LEU A 442 17.30 20.42 -2.64
C LEU A 442 16.35 21.49 -3.16
N PHE A 443 16.26 22.61 -2.44
CA PHE A 443 15.38 23.72 -2.82
C PHE A 443 16.11 24.89 -3.45
N GLU A 444 17.34 24.66 -3.91
CA GLU A 444 18.15 25.68 -4.58
C GLU A 444 17.48 26.20 -5.86
N PRO A 445 16.97 25.29 -6.72
CA PRO A 445 16.40 25.73 -8.00
C PRO A 445 15.14 26.59 -7.90
N PHE A 446 14.42 26.51 -6.78
CA PHE A 446 13.14 27.18 -6.63
C PHE A 446 13.23 28.58 -6.01
N GLN A 447 14.40 28.94 -5.49
CA GLN A 447 14.58 30.22 -4.80
C GLN A 447 14.30 31.39 -5.73
N GLY A 448 13.39 32.27 -5.32
CA GLY A 448 12.94 33.39 -6.14
C GLY A 448 11.64 33.11 -6.88
N LEU A 449 11.51 31.89 -7.40
CA LEU A 449 10.31 31.47 -8.12
C LEU A 449 9.14 31.20 -7.20
N PHE A 450 9.40 30.51 -6.09
CA PHE A 450 8.36 30.09 -5.16
C PHE A 450 8.75 30.37 -3.71
N GLU A 451 7.77 30.24 -2.82
CA GLU A 451 8.01 30.33 -1.38
C GLU A 451 8.56 29.01 -0.88
N ILE A 452 9.71 29.07 -0.20
CA ILE A 452 10.33 27.89 0.41
C ILE A 452 10.33 28.09 1.92
N PRO A 453 9.68 27.16 2.67
CA PRO A 453 9.75 27.21 4.12
C PRO A 453 11.19 27.11 4.64
N SER A 454 11.50 27.83 5.71
CA SER A 454 12.82 27.76 6.32
C SER A 454 13.01 26.41 7.00
N TYR A 455 14.23 25.90 6.97
CA TYR A 455 14.58 24.68 7.72
C TYR A 455 14.17 24.81 9.19
N ARG A 456 14.47 25.98 9.75
CA ARG A 456 14.15 26.31 11.15
C ARG A 456 12.69 26.05 11.51
N SER A 457 11.78 26.62 10.70
CA SER A 457 10.35 26.54 10.98
C SER A 457 9.84 25.10 10.96
N LEU A 458 10.22 24.34 9.94
CA LEU A 458 9.79 22.94 9.81
C LEU A 458 10.41 22.04 10.88
N TYR A 459 11.60 22.38 11.35
CA TYR A 459 12.28 21.63 12.39
C TYR A 459 11.54 21.79 13.72
N LEU A 460 11.22 23.03 14.05
CA LEU A 460 10.50 23.35 15.29
C LEU A 460 9.10 22.74 15.32
N ARG A 461 8.42 22.77 14.17
CA ARG A 461 7.11 22.14 14.05
C ARG A 461 7.21 20.64 14.35
N TRP A 462 8.25 20.01 13.82
CA TRP A 462 8.47 18.57 13.98
C TRP A 462 8.72 18.17 15.43
N VAL A 463 9.52 18.94 16.15
CA VAL A 463 9.82 18.67 17.56
C VAL A 463 8.53 18.66 18.40
N ASN A 464 7.64 19.60 18.14
CA ASN A 464 6.35 19.63 18.82
C ASN A 464 5.46 18.44 18.44
N ALA A 465 5.59 17.99 17.20
CA ALA A 465 4.80 16.85 16.70
C ALA A 465 5.19 15.53 17.38
N VAL A 466 6.49 15.23 17.40
CA VAL A 466 6.99 13.99 18.01
C VAL A 466 6.76 13.91 19.53
N CYS A 467 6.95 15.03 20.22
CA CYS A 467 6.74 15.08 21.67
C CYS A 467 6.52 16.51 22.13
N GLY A 468 5.26 16.85 22.40
CA GLY A 468 4.89 18.21 22.78
C GLY A 468 5.55 18.69 24.06
N ASP A 469 5.55 17.83 25.08
CA ASP A 469 6.16 18.17 26.37
C ASP A 469 7.68 18.32 26.28
N ALA A 470 8.31 17.60 25.36
CA ALA A 470 9.74 17.78 25.09
C ALA A 470 10.01 19.17 24.56
N ALA A 471 9.19 19.62 23.60
CA ALA A 471 9.33 20.95 23.01
C ALA A 471 9.21 22.06 24.05
N ALA A 472 8.26 21.92 24.97
CA ALA A 472 8.09 22.85 26.08
C ALA A 472 9.28 22.75 27.05
N ALA A 473 9.75 21.53 27.28
CA ALA A 473 10.94 21.30 28.09
C ALA A 473 12.19 21.95 27.49
N LEU A 474 12.33 21.88 26.17
CA LEU A 474 13.45 22.53 25.47
C LEU A 474 13.48 24.04 25.70
N GLU A 475 12.38 24.58 26.22
CA GLU A 475 12.30 26.00 26.58
C GLU A 475 12.87 26.29 27.99
N HIS A 476 13.45 25.28 28.65
CA HIS A 476 14.16 25.45 29.93
C HIS A 476 15.15 26.62 29.92
N HIS A 477 15.92 26.74 28.84
CA HIS A 477 16.94 27.78 28.71
C HIS A 477 16.35 29.12 28.25
MG MG D . 11.59 -2.73 2.31
#